data_3CO6
#
_entry.id   3CO6
#
_cell.length_a   65.518
_cell.length_b   76.440
_cell.length_c   102.143
_cell.angle_alpha   90.000
_cell.angle_beta   90.000
_cell.angle_gamma   90.000
#
_symmetry.space_group_name_H-M   'I 2 2 2'
#
loop_
_entity.id
_entity.type
_entity.pdbx_description
1 polymer "DNA (5'-D(*DTP*DGP*DGP*DTP*DTP*DTP*DGP*DTP*DTP*DTP*DAP*DCP*DCP*DTP*DTP*DG)-3')"
2 polymer "DNA (5'-D(*DCP*DAP*DAP*DGP*DGP*DTP*DAP*DAP*DAP*DCP*DAP*DAP*DAP*DCP*DCP*DA)-3')"
3 polymer 'Forkhead box protein O1'
4 non-polymer 'CHLORIDE ION'
5 non-polymer 'CALCIUM ION'
6 water water
#
loop_
_entity_poly.entity_id
_entity_poly.type
_entity_poly.pdbx_seq_one_letter_code
_entity_poly.pdbx_strand_id
1 'polydeoxyribonucleotide' (DT)(DG)(DG)(DT)(DT)(DT)(DG)(DT)(DT)(DT)(DA)(DC)(DC)(DT)(DT)(DG) A
2 'polydeoxyribonucleotide' (DC)(DA)(DA)(DG)(DG)(DT)(DA)(DA)(DA)(DC)(DA)(DA)(DA)(DC)(DC)(DA) B
3 'polypeptide(L)'
;SKSSSSRRNAWGNLSYADLITKAIESSAEKRLTLSQIYEWMVKSVPYFKDKGDSNSSAGWKNSIRHNLSLHSKFIRVQNE
GTGKSSWWMLNPEGGKSGKS
;
C
#
# COMPACT_ATOMS: atom_id res chain seq x y z
N SER C 5 -18.03 -6.07 -14.90
CA SER C 5 -19.07 -6.83 -14.14
C SER C 5 -18.47 -8.11 -13.57
N SER C 6 -17.33 -8.52 -14.12
CA SER C 6 -16.64 -9.72 -13.65
C SER C 6 -15.51 -9.33 -12.68
N ARG C 7 -15.44 -8.04 -12.36
CA ARG C 7 -14.43 -7.53 -11.43
C ARG C 7 -14.94 -6.42 -10.52
N ARG C 8 -14.77 -6.60 -9.21
CA ARG C 8 -15.22 -5.62 -8.21
C ARG C 8 -14.80 -4.19 -8.50
N ASN C 9 -13.54 -3.99 -8.84
CA ASN C 9 -13.02 -2.65 -9.11
C ASN C 9 -12.28 -2.65 -10.44
N ALA C 10 -11.95 -1.45 -10.91
CA ALA C 10 -11.23 -1.30 -12.17
C ALA C 10 -9.94 -2.12 -12.24
N TRP C 11 -9.16 -2.10 -11.17
CA TRP C 11 -7.88 -2.81 -11.16
C TRP C 11 -8.04 -4.32 -10.98
N GLY C 12 -9.23 -4.77 -10.58
CA GLY C 12 -9.42 -6.19 -10.40
C GLY C 12 -10.31 -6.51 -9.21
N ASN C 13 -10.16 -7.69 -8.63
CA ASN C 13 -11.01 -8.08 -7.51
C ASN C 13 -10.39 -7.86 -6.14
N LEU C 14 -9.12 -7.50 -6.10
CA LEU C 14 -8.49 -7.28 -4.82
C LEU C 14 -8.86 -5.91 -4.24
N SER C 15 -9.07 -5.89 -2.93
CA SER C 15 -9.37 -4.64 -2.22
C SER C 15 -8.05 -3.88 -2.05
N TYR C 16 -8.14 -2.64 -1.60
CA TYR C 16 -6.93 -1.86 -1.35
C TYR C 16 -6.08 -2.56 -0.29
N ALA C 17 -6.72 -3.13 0.71
CA ALA C 17 -5.98 -3.79 1.77
C ALA C 17 -5.23 -5.00 1.19
N ASP C 18 -5.86 -5.71 0.26
CA ASP C 18 -5.23 -6.87 -0.35
C ASP C 18 -4.00 -6.42 -1.14
N LEU C 19 -4.14 -5.34 -1.89
CA LEU C 19 -3.02 -4.84 -2.67
C LEU C 19 -1.87 -4.44 -1.74
N ILE C 20 -2.19 -3.78 -0.64
CA ILE C 20 -1.15 -3.36 0.32
C ILE C 20 -0.46 -4.61 0.87
N THR C 21 -1.26 -5.61 1.21
CA THR C 21 -0.74 -6.87 1.74
C THR C 21 0.25 -7.47 0.73
N LYS C 22 -0.16 -7.52 -0.54
CA LYS C 22 0.70 -8.06 -1.60
C LYS C 22 2.00 -7.31 -1.71
N ALA C 23 1.93 -5.98 -1.73
CA ALA C 23 3.11 -5.14 -1.82
C ALA C 23 4.09 -5.46 -0.71
N ILE C 24 3.57 -5.55 0.51
CA ILE C 24 4.41 -5.82 1.64
C ILE C 24 5.02 -7.20 1.53
N GLU C 25 4.20 -8.21 1.28
CA GLU C 25 4.71 -9.57 1.15
C GLU C 25 5.72 -9.70 0.03
N SER C 26 5.67 -8.79 -0.93
CA SER C 26 6.59 -8.87 -2.05
C SER C 26 8.01 -8.47 -1.67
N SER C 27 8.17 -7.72 -0.57
CA SER C 27 9.49 -7.29 -0.13
C SER C 27 10.19 -8.44 0.62
N ALA C 28 11.50 -8.57 0.45
CA ALA C 28 12.24 -9.62 1.15
C ALA C 28 12.08 -9.48 2.66
N GLU C 29 12.18 -8.24 3.14
CA GLU C 29 12.07 -7.97 4.57
C GLU C 29 10.66 -7.86 5.13
N LYS C 30 9.67 -8.02 4.26
CA LYS C 30 8.28 -7.95 4.68
C LYS C 30 7.90 -6.63 5.36
N ARG C 31 8.42 -5.52 4.85
CA ARG C 31 8.07 -4.21 5.40
C ARG C 31 8.37 -3.18 4.35
N LEU C 32 7.55 -2.15 4.29
CA LEU C 32 7.72 -1.09 3.29
C LEU C 32 7.29 0.26 3.84
N THR C 33 7.92 1.33 3.38
CA THR C 33 7.48 2.64 3.82
C THR C 33 6.25 2.94 2.93
N LEU C 34 5.53 4.00 3.28
CA LEU C 34 4.35 4.41 2.52
C LEU C 34 4.72 4.67 1.06
N SER C 35 5.80 5.42 0.82
CA SER C 35 6.16 5.72 -0.55
C SER C 35 6.58 4.48 -1.33
N GLN C 36 7.12 3.46 -0.66
CA GLN C 36 7.47 2.25 -1.38
C GLN C 36 6.18 1.52 -1.77
N ILE C 37 5.16 1.65 -0.94
CA ILE C 37 3.90 1.00 -1.25
C ILE C 37 3.31 1.71 -2.49
N TYR C 38 3.40 3.04 -2.53
CA TYR C 38 2.92 3.79 -3.69
C TYR C 38 3.67 3.29 -4.92
N GLU C 39 5.00 3.23 -4.82
CA GLU C 39 5.85 2.74 -5.91
C GLU C 39 5.40 1.38 -6.43
N TRP C 40 5.19 0.45 -5.50
CA TRP C 40 4.76 -0.89 -5.87
C TRP C 40 3.44 -0.89 -6.62
N MET C 41 2.54 0.01 -6.24
CA MET C 41 1.23 0.10 -6.88
C MET C 41 1.39 0.49 -8.34
N VAL C 42 2.13 1.56 -8.57
CA VAL C 42 2.35 2.06 -9.90
C VAL C 42 3.16 1.13 -10.79
N LYS C 43 4.02 0.31 -10.19
CA LYS C 43 4.84 -0.59 -10.98
C LYS C 43 4.22 -1.96 -11.13
N SER C 44 3.32 -2.31 -10.22
CA SER C 44 2.74 -3.65 -10.24
C SER C 44 1.28 -3.77 -10.63
N VAL C 45 0.50 -2.71 -10.44
CA VAL C 45 -0.92 -2.80 -10.78
C VAL C 45 -1.13 -2.03 -12.07
N PRO C 46 -1.41 -2.75 -13.17
CA PRO C 46 -1.64 -2.19 -14.50
C PRO C 46 -2.41 -0.88 -14.45
N TYR C 47 -3.57 -0.92 -13.81
CA TYR C 47 -4.47 0.21 -13.67
C TYR C 47 -3.83 1.50 -13.15
N PHE C 48 -2.83 1.38 -12.28
CA PHE C 48 -2.20 2.56 -11.72
C PHE C 48 -0.91 2.95 -12.44
N LYS C 49 -0.51 2.14 -13.41
CA LYS C 49 0.72 2.41 -14.15
C LYS C 49 0.82 3.87 -14.58
N ASP C 50 -0.31 4.43 -14.99
CA ASP C 50 -0.35 5.82 -15.47
C ASP C 50 -0.80 6.83 -14.44
N LYS C 51 -1.60 6.39 -13.46
CA LYS C 51 -2.07 7.29 -12.41
C LYS C 51 -0.99 7.56 -11.36
N GLY C 52 0.24 7.72 -11.82
CA GLY C 52 1.33 7.93 -10.88
C GLY C 52 1.74 9.35 -10.59
N ASP C 53 1.42 10.28 -11.48
CA ASP C 53 1.80 11.68 -11.27
C ASP C 53 1.02 12.36 -10.17
N SER C 54 1.45 13.57 -9.83
CA SER C 54 0.81 14.35 -8.78
C SER C 54 -0.69 14.49 -9.03
N ASN C 55 -1.03 15.11 -10.16
CA ASN C 55 -2.42 15.32 -10.54
C ASN C 55 -3.03 14.05 -11.13
N SER C 56 -3.43 13.12 -10.26
CA SER C 56 -4.06 11.86 -10.65
C SER C 56 -3.88 10.77 -9.58
N SER C 57 -2.87 10.90 -8.73
CA SER C 57 -2.66 9.91 -7.69
C SER C 57 -3.21 10.37 -6.33
N ALA C 58 -3.56 11.64 -6.22
CA ALA C 58 -4.08 12.17 -4.97
C ALA C 58 -5.09 11.26 -4.29
N GLY C 59 -6.13 10.88 -5.05
CA GLY C 59 -7.17 10.03 -4.53
C GLY C 59 -6.80 8.64 -4.05
N TRP C 60 -6.21 7.82 -4.92
CA TRP C 60 -5.88 6.47 -4.49
C TRP C 60 -4.80 6.45 -3.40
N LYS C 61 -3.93 7.45 -3.37
CA LYS C 61 -2.91 7.49 -2.32
C LYS C 61 -3.62 7.73 -0.99
N ASN C 62 -4.63 8.62 -1.01
CA ASN C 62 -5.42 8.91 0.19
C ASN C 62 -6.05 7.60 0.65
N SER C 63 -6.59 6.85 -0.31
CA SER C 63 -7.21 5.56 0.03
C SER C 63 -6.20 4.60 0.68
N ILE C 64 -4.96 4.62 0.21
CA ILE C 64 -3.91 3.75 0.76
C ILE C 64 -3.58 4.17 2.21
N ARG C 65 -3.37 5.46 2.45
CA ARG C 65 -3.05 5.91 3.80
C ARG C 65 -4.16 5.54 4.74
N HIS C 66 -5.40 5.74 4.26
CA HIS C 66 -6.61 5.44 4.99
C HIS C 66 -6.65 3.96 5.38
N ASN C 67 -6.41 3.09 4.40
CA ASN C 67 -6.42 1.67 4.67
C ASN C 67 -5.33 1.25 5.66
N LEU C 68 -4.15 1.83 5.52
CA LEU C 68 -3.04 1.50 6.42
C LEU C 68 -3.43 1.78 7.87
N SER C 69 -3.98 2.96 8.13
CA SER C 69 -4.39 3.35 9.49
C SER C 69 -5.62 2.65 10.02
N LEU C 70 -6.63 2.47 9.18
CA LEU C 70 -7.87 1.82 9.59
C LEU C 70 -7.79 0.34 10.01
N HIS C 71 -7.18 -0.50 9.18
CA HIS C 71 -7.14 -1.94 9.46
C HIS C 71 -6.03 -2.41 10.37
N SER C 72 -6.41 -3.15 11.39
CA SER C 72 -5.46 -3.67 12.37
C SER C 72 -4.50 -4.70 11.80
N LYS C 73 -4.80 -5.25 10.63
CA LYS C 73 -3.88 -6.21 10.06
C LYS C 73 -2.55 -5.54 9.68
N PHE C 74 -2.53 -4.21 9.61
CA PHE C 74 -1.29 -3.51 9.29
C PHE C 74 -0.75 -2.79 10.51
N ILE C 75 0.53 -2.95 10.81
CA ILE C 75 1.08 -2.24 11.96
C ILE C 75 2.17 -1.32 11.47
N ARG C 76 2.29 -0.21 12.18
CA ARG C 76 3.25 0.81 11.88
C ARG C 76 4.46 0.65 12.79
N VAL C 77 5.64 0.58 12.19
CA VAL C 77 6.87 0.43 12.95
C VAL C 77 7.77 1.64 12.79
N GLN C 78 8.15 2.21 13.93
CA GLN C 78 9.03 3.36 14.02
C GLN C 78 10.30 3.21 13.23
N ASN C 79 10.68 4.28 12.53
CA ASN C 79 11.88 4.33 11.72
C ASN C 79 12.43 5.69 12.14
N GLU C 80 13.43 5.77 13.01
CA GLU C 80 13.91 7.12 13.27
C GLU C 80 14.66 7.55 12.01
N GLY C 81 15.79 6.88 11.76
CA GLY C 81 16.60 7.19 10.59
C GLY C 81 16.61 8.68 10.34
N THR C 82 16.24 9.46 11.36
CA THR C 82 16.17 10.89 11.25
C THR C 82 15.36 11.28 10.03
N GLY C 83 14.12 11.71 10.27
CA GLY C 83 13.27 12.13 9.17
C GLY C 83 12.62 11.07 8.30
N LYS C 84 12.92 9.79 8.53
CA LYS C 84 12.31 8.72 7.72
C LYS C 84 10.94 8.33 8.23
N SER C 85 10.03 8.02 7.31
CA SER C 85 8.67 7.65 7.73
C SER C 85 8.63 6.18 8.20
N SER C 86 7.50 5.78 8.76
CA SER C 86 7.35 4.43 9.32
C SER C 86 7.39 3.26 8.34
N TRP C 87 7.82 2.11 8.86
CA TRP C 87 7.81 0.86 8.12
C TRP C 87 6.39 0.34 8.35
N TRP C 88 5.75 -0.17 7.31
CA TRP C 88 4.44 -0.74 7.49
C TRP C 88 4.55 -2.23 7.27
N MET C 89 4.00 -3.02 8.18
CA MET C 89 4.07 -4.44 8.01
C MET C 89 2.78 -5.14 8.37
N LEU C 90 2.72 -6.42 8.05
CA LEU C 90 1.52 -7.20 8.34
C LEU C 90 1.52 -7.54 9.81
N ASN C 91 0.35 -7.38 10.43
CA ASN C 91 0.22 -7.66 11.86
C ASN C 91 0.49 -9.14 12.09
N PRO C 92 1.52 -9.45 12.91
CA PRO C 92 1.87 -10.84 13.22
C PRO C 92 0.62 -11.57 13.68
N GLU C 93 -0.09 -10.92 14.61
CA GLU C 93 -1.31 -11.44 15.22
C GLU C 93 -2.57 -11.34 14.34
N GLY C 94 -2.39 -11.41 13.02
CA GLY C 94 -3.52 -11.35 12.10
C GLY C 94 -4.30 -10.05 12.03
N GLY C 95 -5.40 -10.05 11.29
CA GLY C 95 -6.22 -8.86 11.16
C GLY C 95 -7.07 -8.60 12.39
#